data_7LRO
#
_entry.id   7LRO
#
_cell.length_a   58.410
_cell.length_b   27.070
_cell.length_c   76.920
_cell.angle_alpha   90.000
_cell.angle_beta   93.870
_cell.angle_gamma   90.000
#
_symmetry.space_group_name_H-M   'P 1 21 1'
#
loop_
_entity.id
_entity.type
_entity.pdbx_description
1 polymer 'Nucleosome-remodeling factor subunit BPTF'
2 non-polymer 'DIMETHYL SULFOXIDE'
3 non-polymer 5-(azetidin-3-ylamino)-4-chloranyl-2-methyl-pyridazin-3-one
4 non-polymer 1,2-ETHANEDIOL
5 water water
#
_entity_poly.entity_id   1
_entity_poly.type   'polypeptide(L)'
_entity_poly.pdbx_seq_one_letter_code
;SMSTEDAMTVLTPLTEKDYEGLKRVLRSLQAHKMAWPFLEPVDPNDAPDYYGVIKEPMDLATMEERVQRRYYEKLTEFVA
DMTKIFDNCRYYNPSDSPFYQCAEVLESFFVQKLKGFKASRSH
;
_entity_poly.pdbx_strand_id   A,B
#
# COMPACT_ATOMS: atom_id res chain seq x y z
N SER A 3 -4.64 6.15 -1.65
CA SER A 3 -5.92 5.52 -1.35
C SER A 3 -5.70 4.17 -0.68
N THR A 4 -6.78 3.60 -0.15
CA THR A 4 -6.68 2.27 0.46
C THR A 4 -6.29 1.22 -0.57
N GLU A 5 -6.92 1.25 -1.75
CA GLU A 5 -6.60 0.26 -2.78
C GLU A 5 -5.16 0.41 -3.24
N ASP A 6 -4.68 1.65 -3.38
CA ASP A 6 -3.27 1.87 -3.75
C ASP A 6 -2.34 1.24 -2.72
N ALA A 7 -2.58 1.50 -1.44
CA ALA A 7 -1.72 0.98 -0.39
C ALA A 7 -1.79 -0.53 -0.30
N MET A 8 -3.00 -1.09 -0.39
N MET A 8 -2.99 -1.10 -0.40
CA MET A 8 -3.16 -2.55 -0.40
CA MET A 8 -3.12 -2.56 -0.38
C MET A 8 -2.38 -3.17 -1.55
C MET A 8 -2.38 -3.19 -1.55
N THR A 9 -2.43 -2.53 -2.71
CA THR A 9 -1.74 -3.07 -3.89
C THR A 9 -0.24 -3.18 -3.65
N VAL A 10 0.35 -2.15 -3.04
CA VAL A 10 1.79 -2.14 -2.79
C VAL A 10 2.18 -3.02 -1.60
N LEU A 11 1.35 -3.02 -0.56
CA LEU A 11 1.83 -3.42 0.76
C LEU A 11 1.20 -4.69 1.31
N THR A 12 0.01 -5.09 0.86
CA THR A 12 -0.69 -6.21 1.50
C THR A 12 -0.35 -7.51 0.76
N PRO A 13 0.27 -8.48 1.41
CA PRO A 13 0.63 -9.72 0.71
C PRO A 13 -0.59 -10.42 0.13
N LEU A 14 -0.39 -11.04 -1.03
CA LEU A 14 -1.45 -11.79 -1.68
C LEU A 14 -1.80 -13.04 -0.88
N THR A 15 -3.08 -13.20 -0.58
CA THR A 15 -3.59 -14.37 0.12
C THR A 15 -3.97 -15.45 -0.89
N GLU A 16 -4.37 -16.61 -0.39
CA GLU A 16 -4.87 -17.66 -1.28
C GLU A 16 -6.14 -17.21 -2.00
N LYS A 17 -7.02 -16.49 -1.30
CA LYS A 17 -8.19 -15.93 -1.96
C LYS A 17 -7.80 -14.94 -3.04
N ASP A 18 -6.78 -14.10 -2.77
CA ASP A 18 -6.28 -13.20 -3.80
C ASP A 18 -5.80 -13.96 -5.03
N TYR A 19 -5.12 -15.08 -4.80
CA TYR A 19 -4.57 -15.84 -5.92
C TYR A 19 -5.68 -16.41 -6.81
N GLU A 20 -6.80 -16.83 -6.22
CA GLU A 20 -7.92 -17.26 -7.04
C GLU A 20 -8.42 -16.12 -7.92
N GLY A 21 -8.43 -14.90 -7.38
CA GLY A 21 -8.80 -13.75 -8.19
C GLY A 21 -7.80 -13.47 -9.29
N LEU A 22 -6.50 -13.61 -8.99
CA LEU A 22 -5.48 -13.39 -10.03
C LEU A 22 -5.62 -14.40 -11.15
N LYS A 23 -5.90 -15.66 -10.82
CA LYS A 23 -6.12 -16.68 -11.85
C LYS A 23 -7.29 -16.30 -12.75
N ARG A 24 -8.39 -15.80 -12.17
CA ARG A 24 -9.53 -15.37 -12.95
C ARG A 24 -9.16 -14.21 -13.87
N VAL A 25 -8.41 -13.23 -13.37
CA VAL A 25 -7.96 -12.12 -14.22
C VAL A 25 -7.09 -12.64 -15.35
N LEU A 26 -6.12 -13.49 -15.04
CA LEU A 26 -5.23 -13.99 -16.08
C LEU A 26 -5.98 -14.79 -17.14
N ARG A 27 -6.89 -15.67 -16.72
N ARG A 27 -6.89 -15.67 -16.72
CA ARG A 27 -7.67 -16.44 -17.69
CA ARG A 27 -7.66 -16.45 -17.70
C ARG A 27 -8.53 -15.54 -18.56
C ARG A 27 -8.53 -15.54 -18.56
N SER A 28 -9.06 -14.46 -17.98
CA SER A 28 -9.82 -13.50 -18.77
C SER A 28 -8.97 -12.87 -19.85
N LEU A 29 -7.74 -12.49 -19.52
CA LEU A 29 -6.84 -11.92 -20.51
C LEU A 29 -6.51 -12.94 -21.59
N GLN A 30 -6.22 -14.18 -21.18
CA GLN A 30 -5.84 -15.22 -22.15
C GLN A 30 -6.98 -15.55 -23.11
N ALA A 31 -8.22 -15.37 -22.67
CA ALA A 31 -9.38 -15.66 -23.51
C ALA A 31 -9.78 -14.51 -24.43
N HIS A 32 -9.24 -13.32 -24.22
CA HIS A 32 -9.66 -12.16 -24.98
C HIS A 32 -9.25 -12.27 -26.44
N LYS A 33 -10.08 -11.73 -27.33
CA LYS A 33 -9.87 -11.89 -28.77
C LYS A 33 -8.54 -11.28 -29.23
N MET A 34 -8.05 -10.26 -28.53
N MET A 34 -8.06 -10.28 -28.49
CA MET A 34 -6.80 -9.62 -28.92
CA MET A 34 -6.84 -9.55 -28.85
C MET A 34 -5.64 -10.01 -28.03
C MET A 34 -5.63 -10.03 -28.07
N ALA A 35 -5.75 -11.13 -27.33
CA ALA A 35 -4.64 -11.59 -26.51
C ALA A 35 -3.67 -12.48 -27.27
N TRP A 36 -4.04 -12.99 -28.45
CA TRP A 36 -3.18 -13.97 -29.10
C TRP A 36 -1.73 -13.54 -29.33
N PRO A 37 -1.39 -12.26 -29.59
CA PRO A 37 0.03 -11.93 -29.74
C PRO A 37 0.83 -12.12 -28.46
N PHE A 38 0.16 -12.23 -27.30
CA PHE A 38 0.84 -12.18 -26.02
C PHE A 38 0.77 -13.50 -25.27
N LEU A 39 0.22 -14.54 -25.88
CA LEU A 39 0.02 -15.80 -25.19
C LEU A 39 1.34 -16.53 -24.94
N GLU A 40 2.32 -16.35 -25.82
CA GLU A 40 3.61 -17.02 -25.72
C GLU A 40 4.68 -16.00 -26.05
N PRO A 41 5.95 -16.29 -25.73
CA PRO A 41 7.02 -15.31 -26.02
C PRO A 41 7.14 -14.97 -27.49
N VAL A 42 7.64 -13.76 -27.75
CA VAL A 42 7.94 -13.32 -29.11
C VAL A 42 9.01 -14.22 -29.71
N ASP A 43 8.78 -14.69 -30.94
CA ASP A 43 9.80 -15.46 -31.65
C ASP A 43 10.78 -14.49 -32.32
N PRO A 44 12.09 -14.71 -32.18
CA PRO A 44 13.03 -13.78 -32.81
C PRO A 44 12.86 -13.67 -34.32
N ASN A 45 12.33 -14.71 -34.97
CA ASN A 45 12.11 -14.63 -36.40
C ASN A 45 10.95 -13.70 -36.78
N ASP A 46 10.14 -13.27 -35.83
CA ASP A 46 9.08 -12.30 -36.14
C ASP A 46 9.50 -10.87 -35.85
N ALA A 47 10.66 -10.67 -35.24
CA ALA A 47 10.98 -9.37 -34.69
C ALA A 47 12.49 -9.21 -34.58
N PRO A 48 13.13 -8.65 -35.61
CA PRO A 48 14.58 -8.48 -35.58
C PRO A 48 15.03 -7.70 -34.36
N ASP A 49 16.07 -8.20 -33.71
CA ASP A 49 16.73 -7.56 -32.57
C ASP A 49 15.86 -7.49 -31.33
N TYR A 50 14.73 -8.21 -31.30
CA TYR A 50 13.77 -8.03 -30.21
C TYR A 50 14.41 -8.19 -28.85
N TYR A 51 15.19 -9.26 -28.65
CA TYR A 51 15.72 -9.52 -27.32
C TYR A 51 16.90 -8.64 -26.95
N GLY A 52 17.55 -8.01 -27.94
CA GLY A 52 18.54 -7.00 -27.63
C GLY A 52 17.94 -5.65 -27.31
N VAL A 53 16.75 -5.37 -27.85
CA VAL A 53 16.06 -4.10 -27.61
C VAL A 53 15.26 -4.14 -26.31
N ILE A 54 14.53 -5.22 -26.08
CA ILE A 54 13.62 -5.32 -24.95
C ILE A 54 14.38 -5.89 -23.75
N LYS A 55 14.45 -5.10 -22.68
CA LYS A 55 15.26 -5.45 -21.52
C LYS A 55 14.63 -6.55 -20.68
N GLU A 56 13.31 -6.54 -20.54
CA GLU A 56 12.59 -7.47 -19.67
C GLU A 56 11.37 -8.02 -20.41
N PRO A 57 11.59 -8.95 -21.32
CA PRO A 57 10.47 -9.54 -22.05
C PRO A 57 9.49 -10.23 -21.11
N MET A 58 8.23 -10.29 -21.55
CA MET A 58 7.20 -10.92 -20.74
C MET A 58 6.07 -11.38 -21.65
N ASP A 59 5.33 -12.39 -21.21
CA ASP A 59 4.22 -12.90 -21.98
C ASP A 59 3.27 -13.57 -21.00
N LEU A 60 2.07 -13.90 -21.48
CA LEU A 60 1.04 -14.42 -20.58
C LEU A 60 1.35 -15.83 -20.09
N ALA A 61 2.08 -16.63 -20.87
CA ALA A 61 2.40 -17.98 -20.41
C ALA A 61 3.43 -17.95 -19.30
N THR A 62 4.39 -17.03 -19.38
CA THR A 62 5.33 -16.85 -18.27
C THR A 62 4.61 -16.38 -17.02
N MET A 63 3.65 -15.46 -17.16
CA MET A 63 2.87 -15.03 -16.01
C MET A 63 2.05 -16.18 -15.44
N GLU A 64 1.50 -17.04 -16.31
CA GLU A 64 0.73 -18.18 -15.82
C GLU A 64 1.62 -19.11 -15.00
N GLU A 65 2.81 -19.41 -15.50
CA GLU A 65 3.75 -20.22 -14.74
C GLU A 65 4.03 -19.59 -13.38
N ARG A 66 4.27 -18.27 -13.37
CA ARG A 66 4.59 -17.58 -12.12
C ARG A 66 3.41 -17.62 -11.16
N VAL A 67 2.18 -17.43 -11.66
CA VAL A 67 1.00 -17.58 -10.81
C VAL A 67 0.94 -18.98 -10.21
N GLN A 68 1.13 -20.01 -11.05
CA GLN A 68 1.02 -21.38 -10.56
C GLN A 68 2.09 -21.69 -9.52
N ARG A 69 3.27 -21.09 -9.63
CA ARG A 69 4.35 -21.30 -8.66
C ARG A 69 4.27 -20.38 -7.47
N ARG A 70 3.24 -19.52 -7.39
N ARG A 70 3.23 -19.53 -7.38
CA ARG A 70 3.08 -18.57 -6.30
CA ARG A 70 3.07 -18.55 -6.30
C ARG A 70 4.26 -17.61 -6.23
C ARG A 70 4.26 -17.60 -6.24
N TYR A 71 4.77 -17.21 -7.41
CA TYR A 71 5.88 -16.29 -7.50
C TYR A 71 5.54 -14.92 -6.92
N TYR A 72 4.33 -14.42 -7.16
CA TYR A 72 3.98 -13.05 -6.79
C TYR A 72 3.64 -12.97 -5.31
N GLU A 73 4.24 -12.00 -4.62
CA GLU A 73 3.89 -11.73 -3.24
C GLU A 73 3.00 -10.52 -3.07
N LYS A 74 3.05 -9.57 -4.03
CA LYS A 74 2.26 -8.35 -3.97
C LYS A 74 1.58 -8.14 -5.30
N LEU A 75 0.38 -7.54 -5.26
CA LEU A 75 -0.31 -7.22 -6.50
C LEU A 75 0.53 -6.34 -7.40
N THR A 76 1.32 -5.43 -6.82
N THR A 76 1.33 -5.44 -6.83
CA THR A 76 2.20 -4.57 -7.61
CA THR A 76 2.17 -4.58 -7.66
C THR A 76 3.08 -5.38 -8.55
C THR A 76 3.08 -5.40 -8.57
N GLU A 77 3.58 -6.53 -8.08
CA GLU A 77 4.50 -7.34 -8.89
C GLU A 77 3.78 -7.97 -10.07
N PHE A 78 2.55 -8.44 -9.83
CA PHE A 78 1.74 -8.98 -10.93
C PHE A 78 1.41 -7.89 -11.94
N VAL A 79 1.02 -6.70 -11.47
CA VAL A 79 0.73 -5.60 -12.36
C VAL A 79 1.97 -5.20 -13.16
N ALA A 80 3.15 -5.22 -12.50
CA ALA A 80 4.38 -4.87 -13.19
C ALA A 80 4.68 -5.82 -14.33
N ASP A 81 4.52 -7.13 -14.10
CA ASP A 81 4.75 -8.09 -15.20
C ASP A 81 3.75 -7.89 -16.33
N MET A 82 2.46 -7.70 -16.00
CA MET A 82 1.46 -7.50 -17.04
C MET A 82 1.76 -6.25 -17.84
N THR A 83 2.15 -5.17 -17.15
CA THR A 83 2.43 -3.91 -17.82
C THR A 83 3.65 -4.03 -18.74
N LYS A 84 4.64 -4.86 -18.36
CA LYS A 84 5.78 -5.11 -19.27
C LYS A 84 5.29 -5.63 -20.61
N ILE A 85 4.30 -6.53 -20.59
CA ILE A 85 3.79 -7.08 -21.84
C ILE A 85 3.37 -5.96 -22.78
N PHE A 86 2.57 -5.03 -22.26
CA PHE A 86 2.04 -3.97 -23.13
C PHE A 86 3.09 -2.91 -23.43
N ASP A 87 3.87 -2.51 -22.43
CA ASP A 87 4.89 -1.50 -22.66
C ASP A 87 5.96 -1.99 -23.61
N ASN A 88 6.39 -3.26 -23.47
CA ASN A 88 7.39 -3.80 -24.39
C ASN A 88 6.87 -3.77 -25.81
N CYS A 89 5.61 -4.16 -25.99
CA CYS A 89 5.05 -4.22 -27.33
C CYS A 89 4.99 -2.83 -27.96
N ARG A 90 4.55 -1.84 -27.18
CA ARG A 90 4.47 -0.49 -27.72
C ARG A 90 5.84 0.12 -27.93
N TYR A 91 6.83 -0.27 -27.12
CA TYR A 91 8.17 0.26 -27.28
C TYR A 91 8.83 -0.29 -28.54
N TYR A 92 8.69 -1.58 -28.79
CA TYR A 92 9.40 -2.20 -29.90
C TYR A 92 8.77 -1.84 -31.24
N ASN A 93 7.43 -1.73 -31.29
CA ASN A 93 6.67 -1.61 -32.52
C ASN A 93 6.25 -0.16 -32.77
N PRO A 94 6.11 0.22 -34.04
CA PRO A 94 5.49 1.51 -34.36
C PRO A 94 4.02 1.49 -33.98
N SER A 95 3.44 2.69 -33.88
CA SER A 95 2.07 2.78 -33.38
C SER A 95 1.04 2.25 -34.36
N ASP A 96 1.42 2.06 -35.63
CA ASP A 96 0.51 1.48 -36.61
C ASP A 96 0.68 -0.02 -36.78
N SER A 97 1.54 -0.64 -35.96
CA SER A 97 1.63 -2.08 -35.95
C SER A 97 0.35 -2.70 -35.39
N PRO A 98 -0.13 -3.79 -35.97
CA PRO A 98 -1.28 -4.48 -35.37
C PRO A 98 -1.00 -4.98 -33.96
N PHE A 99 0.25 -5.32 -33.63
CA PHE A 99 0.54 -5.73 -32.26
C PHE A 99 0.37 -4.57 -31.30
N TYR A 100 0.86 -3.38 -31.68
CA TYR A 100 0.65 -2.18 -30.86
C TYR A 100 -0.83 -1.97 -30.60
N GLN A 101 -1.67 -2.11 -31.64
CA GLN A 101 -3.12 -1.95 -31.47
C GLN A 101 -3.68 -2.96 -30.46
N CYS A 102 -3.27 -4.23 -30.59
CA CYS A 102 -3.70 -5.23 -29.62
C CYS A 102 -3.29 -4.86 -28.20
N ALA A 103 -2.07 -4.34 -28.02
CA ALA A 103 -1.63 -3.94 -26.68
C ALA A 103 -2.54 -2.87 -26.10
N GLU A 104 -2.95 -1.89 -26.93
CA GLU A 104 -3.83 -0.84 -26.44
C GLU A 104 -5.16 -1.40 -25.97
N VAL A 105 -5.76 -2.29 -26.76
CA VAL A 105 -7.06 -2.84 -26.39
C VAL A 105 -6.94 -3.73 -25.17
N LEU A 106 -5.96 -4.63 -25.18
CA LEU A 106 -5.83 -5.59 -24.08
C LEU A 106 -5.47 -4.89 -22.78
N GLU A 107 -4.61 -3.88 -22.82
CA GLU A 107 -4.32 -3.17 -21.57
C GLU A 107 -5.56 -2.50 -21.02
N SER A 108 -6.41 -1.93 -21.90
CA SER A 108 -7.63 -1.29 -21.43
C SER A 108 -8.52 -2.31 -20.72
N PHE A 109 -8.60 -3.52 -21.27
CA PHE A 109 -9.36 -4.59 -20.64
C PHE A 109 -8.73 -5.00 -19.32
N PHE A 110 -7.41 -5.14 -19.28
CA PHE A 110 -6.71 -5.43 -18.02
C PHE A 110 -7.03 -4.40 -16.95
N VAL A 111 -6.99 -3.12 -17.31
CA VAL A 111 -7.24 -2.06 -16.33
C VAL A 111 -8.63 -2.21 -15.74
N GLN A 112 -9.64 -2.52 -16.57
CA GLN A 112 -10.98 -2.76 -16.06
C GLN A 112 -11.02 -3.94 -15.10
N LYS A 113 -10.41 -5.07 -15.49
CA LYS A 113 -10.40 -6.25 -14.63
C LYS A 113 -9.59 -6.00 -13.37
N LEU A 114 -8.47 -5.28 -13.49
CA LEU A 114 -7.64 -5.00 -12.32
C LEU A 114 -8.39 -4.18 -11.28
N LYS A 115 -9.13 -3.16 -11.73
CA LYS A 115 -9.91 -2.34 -10.82
C LYS A 115 -10.96 -3.19 -10.10
N GLY A 116 -11.61 -4.10 -10.83
CA GLY A 116 -12.56 -5.01 -10.20
C GLY A 116 -11.90 -5.89 -9.16
N PHE A 117 -10.71 -6.42 -9.46
CA PHE A 117 -10.01 -7.27 -8.51
C PHE A 117 -9.64 -6.49 -7.25
N LYS A 118 -9.09 -5.28 -7.42
CA LYS A 118 -8.74 -4.47 -6.25
C LYS A 118 -9.94 -4.20 -5.36
N ALA A 119 -11.10 -3.93 -5.97
CA ALA A 119 -12.31 -3.68 -5.18
C ALA A 119 -12.71 -4.91 -4.37
N SER A 120 -12.51 -6.10 -4.93
CA SER A 120 -12.89 -7.34 -4.26
C SER A 120 -12.02 -7.67 -3.04
N ARG A 121 -10.82 -7.11 -2.95
CA ARG A 121 -9.94 -7.46 -1.84
C ARG A 121 -10.46 -6.98 -0.50
N SER A 122 -11.38 -6.02 -0.48
CA SER A 122 -11.98 -5.55 0.77
C SER A 122 -13.24 -6.36 1.10
N SER B 3 12.95 7.04 35.91
CA SER B 3 14.04 7.69 35.20
C SER B 3 13.75 9.19 35.03
N THR B 4 14.78 9.92 34.60
CA THR B 4 14.58 11.32 34.25
C THR B 4 13.56 11.46 33.12
N GLU B 5 13.65 10.59 32.12
CA GLU B 5 12.72 10.67 30.99
C GLU B 5 11.29 10.40 31.43
N ASP B 6 11.09 9.42 32.31
CA ASP B 6 9.75 9.15 32.82
C ASP B 6 9.19 10.36 33.58
N ALA B 7 10.00 10.96 34.44
CA ALA B 7 9.56 12.10 35.22
C ALA B 7 9.25 13.30 34.32
N MET B 8 10.09 13.54 33.30
CA MET B 8 9.84 14.66 32.39
C MET B 8 8.57 14.43 31.58
N THR B 9 8.33 13.20 31.15
CA THR B 9 7.13 12.91 30.36
C THR B 9 5.87 13.33 31.10
N VAL B 10 5.81 13.07 32.41
CA VAL B 10 4.64 13.39 33.20
C VAL B 10 4.60 14.87 33.56
N LEU B 11 5.73 15.46 33.92
CA LEU B 11 5.74 16.72 34.67
C LEU B 11 6.25 17.93 33.91
N THR B 12 7.05 17.76 32.87
CA THR B 12 7.73 18.90 32.26
C THR B 12 6.89 19.48 31.13
N PRO B 13 6.49 20.75 31.21
CA PRO B 13 5.70 21.34 30.12
C PRO B 13 6.44 21.26 28.79
N LEU B 14 5.68 21.05 27.73
CA LEU B 14 6.24 21.04 26.39
C LEU B 14 6.64 22.44 25.98
N THR B 15 7.89 22.62 25.60
CA THR B 15 8.42 23.91 25.15
C THR B 15 8.29 24.02 23.64
N GLU B 16 8.65 25.20 23.12
CA GLU B 16 8.72 25.38 21.68
C GLU B 16 9.66 24.37 21.03
N LYS B 17 10.84 24.16 21.63
CA LYS B 17 11.77 23.17 21.10
C LYS B 17 11.18 21.76 21.17
N ASP B 18 10.48 21.43 22.27
CA ASP B 18 9.79 20.14 22.33
C ASP B 18 8.82 20.01 21.17
N TYR B 19 8.11 21.08 20.85
CA TYR B 19 7.12 21.00 19.77
C TYR B 19 7.77 20.74 18.42
N GLU B 20 8.95 21.30 18.17
CA GLU B 20 9.66 20.97 16.94
C GLU B 20 9.98 19.48 16.90
N GLY B 21 10.31 18.89 18.05
CA GLY B 21 10.55 17.46 18.09
C GLY B 21 9.30 16.63 17.86
N LEU B 22 8.16 17.10 18.41
CA LEU B 22 6.89 16.42 18.19
C LEU B 22 6.49 16.46 16.72
N LYS B 23 6.73 17.60 16.06
CA LYS B 23 6.44 17.69 14.64
C LYS B 23 7.30 16.71 13.85
N ARG B 24 8.57 16.57 14.22
CA ARG B 24 9.44 15.61 13.57
C ARG B 24 8.93 14.19 13.75
N VAL B 25 8.50 13.85 14.96
CA VAL B 25 7.98 12.50 15.20
C VAL B 25 6.72 12.27 14.36
N LEU B 26 5.80 13.23 14.39
CA LEU B 26 4.56 13.08 13.65
C LEU B 26 4.83 12.93 12.15
N ARG B 27 5.73 13.76 11.60
N ARG B 27 5.73 13.76 11.60
CA ARG B 27 6.04 13.67 10.17
CA ARG B 27 6.04 13.67 10.17
C ARG B 27 6.67 12.33 9.83
C ARG B 27 6.66 12.33 9.84
N SER B 28 7.50 11.79 10.73
CA SER B 28 8.08 10.47 10.49
C SER B 28 6.99 9.41 10.41
N LEU B 29 6.01 9.48 11.31
CA LEU B 29 4.91 8.52 11.26
C LEU B 29 4.10 8.69 9.97
N GLN B 30 3.80 9.94 9.59
CA GLN B 30 2.99 10.16 8.40
C GLN B 30 3.70 9.68 7.13
N ALA B 31 5.03 9.69 7.13
CA ALA B 31 5.81 9.24 5.98
C ALA B 31 6.02 7.73 5.96
N HIS B 32 5.71 7.03 7.03
CA HIS B 32 5.96 5.59 7.10
C HIS B 32 4.96 4.86 6.23
N LYS B 33 5.44 3.86 5.48
CA LYS B 33 4.56 3.16 4.56
C LYS B 33 3.38 2.51 5.26
N MET B 34 3.56 2.08 6.52
CA MET B 34 2.51 1.42 7.28
C MET B 34 1.55 2.39 7.97
N ALA B 35 1.71 3.69 7.75
CA ALA B 35 0.78 4.64 8.33
C ALA B 35 -0.45 4.85 7.47
N TRP B 36 -0.52 4.21 6.30
CA TRP B 36 -1.62 4.46 5.38
C TRP B 36 -3.02 4.38 5.99
N PRO B 37 -3.34 3.46 6.92
CA PRO B 37 -4.69 3.43 7.47
C PRO B 37 -5.01 4.60 8.38
N PHE B 38 -4.01 5.33 8.86
CA PHE B 38 -4.19 6.25 9.99
C PHE B 38 -4.01 7.71 9.62
N LEU B 39 -3.78 8.01 8.34
CA LEU B 39 -3.54 9.38 7.92
C LEU B 39 -4.78 10.25 8.02
N GLU B 40 -5.97 9.67 7.90
CA GLU B 40 -7.22 10.41 7.93
C GLU B 40 -8.19 9.62 8.79
N PRO B 41 -9.27 10.25 9.25
CA PRO B 41 -10.22 9.53 10.11
C PRO B 41 -10.88 8.35 9.39
N VAL B 42 -11.30 7.36 10.18
CA VAL B 42 -12.02 6.22 9.66
C VAL B 42 -13.32 6.68 9.03
N ASP B 43 -13.58 6.22 7.80
CA ASP B 43 -14.86 6.47 7.14
C ASP B 43 -15.84 5.38 7.58
N PRO B 44 -17.04 5.75 8.05
CA PRO B 44 -18.01 4.71 8.42
C PRO B 44 -18.36 3.76 7.29
N ASN B 45 -18.13 4.16 6.03
CA ASN B 45 -18.33 3.26 4.89
C ASN B 45 -17.51 1.99 5.03
N ASP B 46 -16.33 2.08 5.61
CA ASP B 46 -15.40 0.96 5.70
C ASP B 46 -15.53 0.20 7.00
N ALA B 47 -16.44 0.60 7.87
CA ALA B 47 -16.38 0.11 9.23
C ALA B 47 -17.77 0.30 9.84
N PRO B 48 -18.67 -0.63 9.57
CA PRO B 48 -19.99 -0.59 10.20
C PRO B 48 -19.86 -0.47 11.71
N ASP B 49 -20.65 0.44 12.26
CA ASP B 49 -20.77 0.66 13.70
C ASP B 49 -19.53 1.27 14.32
N TYR B 50 -18.54 1.71 13.53
CA TYR B 50 -17.25 2.12 14.08
C TYR B 50 -17.42 3.16 15.18
N TYR B 51 -18.19 4.22 14.90
CA TYR B 51 -18.26 5.32 15.86
C TYR B 51 -19.09 5.00 17.10
N GLY B 52 -19.97 4.00 17.02
CA GLY B 52 -20.65 3.55 18.22
C GLY B 52 -19.80 2.62 19.06
N VAL B 53 -18.84 1.94 18.44
CA VAL B 53 -17.96 0.99 19.13
C VAL B 53 -16.75 1.70 19.73
N ILE B 54 -16.13 2.60 18.98
CA ILE B 54 -14.90 3.26 19.43
C ILE B 54 -15.27 4.53 20.18
N LYS B 55 -14.87 4.58 21.45
CA LYS B 55 -15.28 5.68 22.33
C LYS B 55 -14.53 6.97 22.01
N GLU B 56 -13.27 6.87 21.63
CA GLU B 56 -12.41 8.05 21.45
C GLU B 56 -11.59 7.87 20.19
N PRO B 57 -12.19 8.09 19.03
CA PRO B 57 -11.46 7.93 17.77
C PRO B 57 -10.30 8.91 17.68
N MET B 58 -9.29 8.52 16.91
CA MET B 58 -8.15 9.40 16.71
C MET B 58 -7.47 8.99 15.41
N ASP B 59 -6.77 9.95 14.81
CA ASP B 59 -6.05 9.70 13.56
C ASP B 59 -4.92 10.72 13.48
N LEU B 60 -4.02 10.50 12.52
CA LEU B 60 -2.83 11.35 12.45
C LEU B 60 -3.14 12.77 11.97
N ALA B 61 -4.17 12.97 11.15
CA ALA B 61 -4.53 14.32 10.75
C ALA B 61 -5.08 15.12 11.92
N THR B 62 -5.90 14.48 12.76
CA THR B 62 -6.36 15.15 13.97
C THR B 62 -5.20 15.48 14.90
N MET B 63 -4.22 14.58 15.03
N MET B 63 -4.25 14.54 15.05
CA MET B 63 -3.07 14.89 15.86
CA MET B 63 -3.02 14.78 15.79
C MET B 63 -2.23 16.01 15.26
C MET B 63 -2.30 16.01 15.25
N GLU B 64 -2.13 16.07 13.93
CA GLU B 64 -1.42 17.18 13.30
C GLU B 64 -2.09 18.50 13.62
N GLU B 65 -3.42 18.55 13.52
CA GLU B 65 -4.13 19.76 13.86
C GLU B 65 -3.85 20.16 15.30
N ARG B 66 -3.93 19.20 16.23
CA ARG B 66 -3.67 19.50 17.64
C ARG B 66 -2.24 19.97 17.88
N VAL B 67 -1.27 19.38 17.19
CA VAL B 67 0.12 19.85 17.30
C VAL B 67 0.22 21.29 16.80
N GLN B 68 -0.37 21.58 15.65
CA GLN B 68 -0.28 22.93 15.09
C GLN B 68 -0.95 23.95 16.01
N ARG B 69 -2.00 23.57 16.71
CA ARG B 69 -2.71 24.45 17.62
C ARG B 69 -2.08 24.49 19.01
N ARG B 70 -0.99 23.77 19.23
CA ARG B 70 -0.34 23.70 20.54
C ARG B 70 -1.29 23.17 21.61
N TYR B 71 -2.11 22.19 21.22
CA TYR B 71 -3.08 21.59 22.11
C TYR B 71 -2.42 20.90 23.31
N TYR B 72 -1.29 20.24 23.09
CA TYR B 72 -0.69 19.42 24.14
C TYR B 72 0.14 20.27 25.09
N GLU B 73 -0.02 20.01 26.39
CA GLU B 73 0.80 20.65 27.41
C GLU B 73 1.85 19.72 27.98
N LYS B 74 1.58 18.42 28.06
CA LYS B 74 2.53 17.43 28.54
C LYS B 74 2.64 16.31 27.52
N LEU B 75 3.82 15.69 27.49
CA LEU B 75 4.06 14.61 26.54
C LEU B 75 3.09 13.45 26.75
N THR B 76 2.68 13.20 27.99
CA THR B 76 1.71 12.14 28.26
C THR B 76 0.47 12.27 27.39
N GLU B 77 -0.01 13.50 27.19
CA GLU B 77 -1.23 13.73 26.42
C GLU B 77 -1.03 13.41 24.95
N PHE B 78 0.14 13.76 24.40
CA PHE B 78 0.45 13.42 23.02
C PHE B 78 0.55 11.90 22.85
N VAL B 79 1.22 11.24 23.79
CA VAL B 79 1.34 9.78 23.74
C VAL B 79 -0.02 9.12 23.85
N ALA B 80 -0.89 9.65 24.72
CA ALA B 80 -2.21 9.04 24.88
C ALA B 80 -3.02 9.14 23.60
N ASP B 81 -2.99 10.29 22.92
CA ASP B 81 -3.70 10.42 21.65
C ASP B 81 -3.14 9.44 20.61
N MET B 82 -1.82 9.37 20.48
CA MET B 82 -1.22 8.45 19.53
C MET B 82 -1.60 7.01 19.85
N THR B 83 -1.60 6.66 21.13
CA THR B 83 -1.90 5.29 21.52
C THR B 83 -3.35 4.93 21.20
N LYS B 84 -4.27 5.90 21.27
CA LYS B 84 -5.65 5.65 20.85
C LYS B 84 -5.70 5.15 19.42
N ILE B 85 -4.89 5.73 18.52
CA ILE B 85 -4.92 5.29 17.13
C ILE B 85 -4.70 3.79 17.04
N PHE B 86 -3.67 3.30 17.73
CA PHE B 86 -3.32 1.89 17.60
C PHE B 86 -4.26 0.99 18.39
N ASP B 87 -4.62 1.40 19.61
CA ASP B 87 -5.50 0.59 20.43
C ASP B 87 -6.89 0.52 19.82
N ASN B 88 -7.41 1.63 19.29
CA ASN B 88 -8.71 1.59 18.65
C ASN B 88 -8.70 0.65 17.48
N CYS B 89 -7.64 0.70 16.68
CA CYS B 89 -7.56 -0.13 15.50
C CYS B 89 -7.56 -1.60 15.87
N ARG B 90 -6.75 -1.98 16.85
CA ARG B 90 -6.70 -3.38 17.24
C ARG B 90 -7.99 -3.83 17.92
N TYR B 91 -8.67 -2.91 18.61
CA TYR B 91 -9.91 -3.29 19.29
C TYR B 91 -11.02 -3.57 18.28
N TYR B 92 -11.13 -2.73 17.25
CA TYR B 92 -12.22 -2.87 16.30
C TYR B 92 -12.02 -4.02 15.32
N ASN B 93 -10.77 -4.28 14.92
CA ASN B 93 -10.51 -5.19 13.81
C ASN B 93 -10.02 -6.54 14.29
N PRO B 94 -10.22 -7.57 13.50
CA PRO B 94 -9.60 -8.87 13.80
C PRO B 94 -8.09 -8.79 13.59
N SER B 95 -7.37 -9.71 14.22
CA SER B 95 -5.92 -9.62 14.19
C SER B 95 -5.33 -9.89 12.81
N ASP B 96 -6.09 -10.47 11.89
CA ASP B 96 -5.60 -10.69 10.53
C ASP B 96 -5.97 -9.56 9.57
N SER B 97 -6.58 -8.49 10.06
CA SER B 97 -6.89 -7.37 9.19
C SER B 97 -5.60 -6.64 8.79
N PRO B 98 -5.49 -6.20 7.54
CA PRO B 98 -4.38 -5.30 7.19
C PRO B 98 -4.28 -4.10 8.10
N PHE B 99 -5.40 -3.52 8.55
CA PHE B 99 -5.33 -2.37 9.45
C PHE B 99 -4.62 -2.74 10.74
N TYR B 100 -5.01 -3.88 11.32
CA TYR B 100 -4.43 -4.34 12.59
C TYR B 100 -2.92 -4.55 12.44
N GLN B 101 -2.51 -5.18 11.34
CA GLN B 101 -1.09 -5.39 11.09
C GLN B 101 -0.34 -4.06 11.02
N CYS B 102 -0.91 -3.08 10.32
CA CYS B 102 -0.28 -1.76 10.26
C CYS B 102 -0.16 -1.13 11.63
N ALA B 103 -1.18 -1.29 12.49
CA ALA B 103 -1.09 -0.74 13.84
C ALA B 103 0.09 -1.34 14.60
N GLU B 104 0.30 -2.65 14.47
CA GLU B 104 1.41 -3.29 15.16
C GLU B 104 2.75 -2.70 14.72
N VAL B 105 2.94 -2.56 13.40
CA VAL B 105 4.21 -2.07 12.88
C VAL B 105 4.39 -0.60 13.24
N LEU B 106 3.36 0.21 13.00
CA LEU B 106 3.50 1.64 13.23
C LEU B 106 3.65 1.96 14.71
N GLU B 107 2.97 1.23 15.61
CA GLU B 107 3.19 1.50 17.02
C GLU B 107 4.64 1.17 17.42
N SER B 108 5.19 0.08 16.88
CA SER B 108 6.59 -0.26 17.17
C SER B 108 7.52 0.86 16.73
N PHE B 109 7.29 1.40 15.54
CA PHE B 109 8.06 2.53 15.05
C PHE B 109 7.87 3.75 15.94
N PHE B 110 6.62 4.03 16.33
CA PHE B 110 6.36 5.14 17.24
C PHE B 110 7.13 4.97 18.55
N VAL B 111 7.13 3.77 19.12
CA VAL B 111 7.84 3.55 20.37
C VAL B 111 9.32 3.87 20.22
N GLN B 112 9.93 3.46 19.10
CA GLN B 112 11.33 3.79 18.86
C GLN B 112 11.54 5.31 18.76
N LYS B 113 10.70 5.98 17.99
CA LYS B 113 10.83 7.43 17.81
C LYS B 113 10.55 8.17 19.12
N LEU B 114 9.55 7.71 19.88
CA LEU B 114 9.23 8.36 21.15
C LEU B 114 10.40 8.28 22.12
N LYS B 115 11.05 7.10 22.20
CA LYS B 115 12.19 6.95 23.08
C LYS B 115 13.31 7.91 22.69
N GLY B 116 13.55 8.06 21.38
CA GLY B 116 14.54 9.02 20.93
C GLY B 116 14.18 10.44 21.28
N PHE B 117 12.89 10.79 21.15
CA PHE B 117 12.45 12.13 21.52
C PHE B 117 12.68 12.41 23.00
N LYS B 118 12.29 11.47 23.86
CA LYS B 118 12.47 11.65 25.30
C LYS B 118 13.95 11.83 25.63
N ALA B 119 14.83 11.07 24.97
CA ALA B 119 16.25 11.20 25.24
C ALA B 119 16.77 12.58 24.83
N SER B 120 16.25 13.11 23.71
CA SER B 120 16.67 14.43 23.25
C SER B 120 16.19 15.55 24.19
N ARG B 121 15.11 15.32 24.94
CA ARG B 121 14.66 16.33 25.89
C ARG B 121 15.54 16.35 27.12
N SER B 122 16.08 15.19 27.50
CA SER B 122 16.82 15.05 28.74
C SER B 122 18.30 15.39 28.59
N HIS B 123 18.77 15.59 27.37
CA HIS B 123 20.15 15.99 27.12
C HIS B 123 20.31 16.69 25.78
#